data_8RS7
#
_entry.id   8RS7
#
_cell.length_a   57.688
_cell.length_b   90.351
_cell.length_c   96.189
_cell.angle_alpha   90.00
_cell.angle_beta   90.00
_cell.angle_gamma   90.00
#
_symmetry.space_group_name_H-M   'P 21 21 21'
#
loop_
_entity.id
_entity.type
_entity.pdbx_description
1 polymer 'Genome polyprotein'
2 non-polymer 1-[3-[[5-[4-[2-(dimethylamino)ethoxy]-6-methyl-pyrimidin-5-yl]pyridin-2-yl]methyl]-1,2,3-oxadiazol-3-ium-5-yl]-3-[3-(trifluoromethyl)phenyl]urea
3 water water
#
_entity_poly.entity_id   1
_entity_poly.type   'polypeptide(L)'
_entity_poly.pdbx_seq_one_letter_code
;GSHMVDMYIERAGDITWEKDAEVTGNSPRLDVALDESGDFSLVEDDGPPMAGGGGSGGGGSGALWDVPAPKEVKKGETTD
GVYRVMTRGLLGSTQVGVGVMQEGVFHTMWHVTKGSALRSGEGRLDPYWGDVKQDLVSYCGPWKLDAAWDGHSEVQLLAV
PPGERARNIQTLPGIFKTKDGDIGAVALDYPAGTSGSPILDKCGRVIGLYGNGVVIKNGSYVSAITQGRR
;
_entity_poly.pdbx_strand_id   A,B
#
loop_
_chem_comp.id
_chem_comp.type
_chem_comp.name
_chem_comp.formula
A1H3F non-polymer 1-[3-[[5-[4-[2-(dimethylamino)ethoxy]-6-methyl-pyrimidin-5-yl]pyridin-2-yl]methyl]-1,2,3-oxadiazol-3-ium-5-yl]-3-[3-(trifluoromethyl)phenyl]urea 'C25 H26 F3 N8 O3 1'
#
# COMPACT_ATOMS: atom_id res chain seq x y z
N HIS A 3 -21.25 4.16 -1.54
CA HIS A 3 -20.26 3.35 -2.33
C HIS A 3 -20.78 1.94 -2.63
N MET A 4 -20.54 1.47 -3.85
CA MET A 4 -20.98 0.13 -4.28
C MET A 4 -20.05 -0.93 -3.70
N VAL A 5 -20.54 -1.68 -2.71
CA VAL A 5 -19.76 -2.71 -2.01
C VAL A 5 -19.48 -3.96 -2.88
N ASP A 6 -20.38 -4.25 -3.83
CA ASP A 6 -20.33 -5.50 -4.58
C ASP A 6 -19.18 -5.51 -5.61
N MET A 7 -18.36 -6.55 -5.54
CA MET A 7 -17.22 -6.73 -6.46
C MET A 7 -16.83 -8.21 -6.45
N TYR A 8 -16.91 -8.85 -7.62
CA TYR A 8 -16.67 -10.30 -7.73
C TYR A 8 -15.64 -10.65 -8.80
N ILE A 9 -15.29 -11.93 -8.87
CA ILE A 9 -14.34 -12.46 -9.86
C ILE A 9 -14.95 -13.63 -10.64
N GLU A 10 -14.52 -13.78 -11.89
CA GLU A 10 -15.02 -14.83 -12.80
C GLU A 10 -13.85 -15.47 -13.53
N ARG A 11 -13.85 -16.80 -13.62
CA ARG A 11 -12.71 -17.55 -14.17
C ARG A 11 -12.72 -17.50 -15.71
N ALA A 12 -11.61 -17.07 -16.29
CA ALA A 12 -11.44 -16.98 -17.74
C ALA A 12 -10.75 -18.23 -18.30
N GLY A 13 -9.63 -18.60 -17.68
CA GLY A 13 -8.87 -19.79 -18.10
C GLY A 13 -7.77 -20.21 -17.15
N ASP A 14 -6.82 -20.97 -17.67
CA ASP A 14 -5.67 -21.49 -16.89
C ASP A 14 -4.35 -20.85 -17.33
N ILE A 15 -3.31 -21.03 -16.51
CA ILE A 15 -1.98 -20.50 -16.77
C ILE A 15 -1.18 -21.56 -17.54
N THR A 16 -1.00 -21.34 -18.84
CA THR A 16 -0.25 -22.26 -19.70
C THR A 16 0.58 -21.53 -20.75
N TRP A 17 1.81 -21.98 -20.94
CA TRP A 17 2.66 -21.51 -22.03
C TRP A 17 2.23 -22.22 -23.31
N GLU A 18 1.97 -21.44 -24.36
CA GLU A 18 1.55 -21.96 -25.67
C GLU A 18 2.69 -21.82 -26.67
N LYS A 19 3.00 -22.93 -27.37
CA LYS A 19 4.07 -22.92 -28.37
C LYS A 19 3.69 -22.07 -29.58
N ASP A 20 2.50 -22.30 -30.11
CA ASP A 20 1.90 -21.47 -31.18
C ASP A 20 1.36 -20.16 -30.59
N ALA A 21 1.77 -19.03 -31.18
CA ALA A 21 1.41 -17.70 -30.66
C ALA A 21 1.62 -16.58 -31.70
N GLU A 22 1.20 -15.36 -31.33
CA GLU A 22 1.23 -14.19 -32.23
C GLU A 22 2.59 -13.49 -32.24
N VAL A 23 3.33 -13.65 -33.33
CA VAL A 23 4.65 -13.04 -33.51
C VAL A 23 4.65 -12.21 -34.80
N THR A 78 -9.44 -20.18 -4.83
CA THR A 78 -10.24 -21.40 -4.74
C THR A 78 -9.55 -22.55 -5.48
N THR A 79 -9.28 -22.34 -6.76
CA THR A 79 -8.47 -23.24 -7.59
C THR A 79 -7.60 -22.40 -8.53
N ASP A 80 -6.41 -22.90 -8.85
CA ASP A 80 -5.41 -22.15 -9.64
C ASP A 80 -5.92 -21.79 -11.04
N GLY A 81 -5.54 -20.61 -11.50
CA GLY A 81 -5.98 -20.08 -12.80
C GLY A 81 -6.21 -18.58 -12.76
N VAL A 82 -6.37 -17.98 -13.95
CA VAL A 82 -6.65 -16.54 -14.07
C VAL A 82 -8.15 -16.26 -13.90
N TYR A 83 -8.46 -15.13 -13.27
CA TYR A 83 -9.84 -14.66 -13.09
C TYR A 83 -9.94 -13.18 -13.45
N ARG A 84 -11.01 -12.82 -14.16
CA ARG A 84 -11.30 -11.41 -14.49
C ARG A 84 -12.11 -10.77 -13.37
N VAL A 85 -11.67 -9.59 -12.93
CA VAL A 85 -12.27 -8.88 -11.79
C VAL A 85 -13.43 -8.02 -12.30
N MET A 86 -14.60 -8.21 -11.70
CA MET A 86 -15.86 -7.57 -12.12
C MET A 86 -16.46 -6.74 -10.99
N THR A 87 -17.38 -5.84 -11.35
CA THR A 87 -18.15 -5.01 -10.39
C THR A 87 -19.59 -4.89 -10.89
N ARG A 88 -20.48 -5.73 -10.36
CA ARG A 88 -21.93 -5.60 -10.60
C ARG A 88 -22.52 -4.48 -9.73
N GLY A 89 -23.42 -3.70 -10.33
CA GLY A 89 -24.03 -2.57 -9.62
C GLY A 89 -25.40 -2.17 -10.13
N LEU A 90 -25.60 -0.85 -10.33
CA LEU A 90 -26.92 -0.30 -10.62
C LEU A 90 -27.33 -0.55 -12.08
N LEU A 91 -26.40 -0.32 -13.01
CA LEU A 91 -26.63 -0.55 -14.44
C LEU A 91 -26.45 -2.02 -14.82
N GLY A 92 -25.29 -2.57 -14.52
CA GLY A 92 -24.93 -3.93 -14.90
C GLY A 92 -23.60 -4.37 -14.33
N SER A 93 -22.94 -5.27 -15.04
CA SER A 93 -21.59 -5.76 -14.68
C SER A 93 -20.54 -5.17 -15.63
N THR A 94 -19.41 -4.77 -15.07
CA THR A 94 -18.27 -4.21 -15.83
C THR A 94 -16.95 -4.70 -15.25
N GLN A 95 -15.99 -5.00 -16.13
CA GLN A 95 -14.67 -5.50 -15.74
C GLN A 95 -13.75 -4.35 -15.34
N VAL A 96 -13.26 -4.41 -14.10
CA VAL A 96 -12.35 -3.39 -13.55
C VAL A 96 -10.88 -3.79 -13.78
N GLY A 97 -10.58 -5.08 -13.67
CA GLY A 97 -9.22 -5.58 -13.86
C GLY A 97 -9.16 -7.09 -14.07
N VAL A 98 -7.97 -7.65 -13.90
CA VAL A 98 -7.72 -9.10 -13.99
C VAL A 98 -6.82 -9.51 -12.82
N GLY A 99 -6.91 -10.79 -12.42
CA GLY A 99 -6.04 -11.34 -11.40
C GLY A 99 -5.67 -12.80 -11.61
N VAL A 100 -4.81 -13.30 -10.72
CA VAL A 100 -4.17 -14.61 -10.84
C VAL A 100 -4.31 -15.38 -9.53
N MET A 101 -4.99 -16.52 -9.59
CA MET A 101 -5.06 -17.44 -8.45
C MET A 101 -3.92 -18.44 -8.55
N GLN A 102 -3.17 -18.59 -7.46
CA GLN A 102 -2.05 -19.54 -7.41
C GLN A 102 -1.73 -19.92 -5.96
N GLU A 103 -1.66 -21.22 -5.69
CA GLU A 103 -1.39 -21.77 -4.35
C GLU A 103 -2.39 -21.27 -3.29
N GLY A 104 -3.65 -21.17 -3.69
CA GLY A 104 -4.73 -20.65 -2.85
C GLY A 104 -4.60 -19.19 -2.46
N VAL A 105 -4.05 -18.38 -3.36
CA VAL A 105 -3.85 -16.93 -3.15
C VAL A 105 -4.19 -16.17 -4.42
N PHE A 106 -5.21 -15.31 -4.35
CA PHE A 106 -5.58 -14.46 -5.49
C PHE A 106 -4.70 -13.22 -5.50
N HIS A 107 -3.86 -13.11 -6.53
CA HIS A 107 -2.97 -11.96 -6.72
C HIS A 107 -3.55 -11.03 -7.78
N THR A 108 -3.49 -9.73 -7.51
CA THR A 108 -3.90 -8.71 -8.47
C THR A 108 -3.27 -7.36 -8.09
N MET A 109 -3.66 -6.30 -8.80
CA MET A 109 -3.10 -4.96 -8.58
C MET A 109 -4.00 -4.15 -7.65
N TRP A 110 -3.38 -3.27 -6.87
CA TRP A 110 -4.08 -2.46 -5.86
C TRP A 110 -5.12 -1.53 -6.49
N HIS A 111 -4.72 -0.83 -7.55
CA HIS A 111 -5.61 0.13 -8.24
C HIS A 111 -6.92 -0.45 -8.80
N VAL A 112 -6.94 -1.77 -9.02
CA VAL A 112 -8.16 -2.47 -9.47
C VAL A 112 -9.20 -2.50 -8.35
N THR A 113 -8.87 -3.18 -7.25
CA THR A 113 -9.80 -3.38 -6.13
C THR A 113 -9.78 -2.24 -5.13
N LYS A 114 -8.57 -1.76 -4.82
CA LYS A 114 -8.32 -0.71 -3.80
C LYS A 114 -8.72 -1.19 -2.40
N GLY A 115 -8.21 -2.37 -2.05
CA GLY A 115 -8.48 -3.00 -0.76
C GLY A 115 -9.89 -3.54 -0.57
N SER A 116 -10.63 -3.73 -1.67
CA SER A 116 -12.01 -4.20 -1.60
C SER A 116 -12.03 -5.72 -1.51
N ALA A 117 -12.80 -6.24 -0.56
CA ALA A 117 -12.95 -7.69 -0.37
C ALA A 117 -13.73 -8.29 -1.55
N LEU A 118 -13.21 -9.36 -2.13
CA LEU A 118 -13.78 -9.97 -3.32
C LEU A 118 -14.65 -11.18 -3.00
N ARG A 119 -15.58 -11.49 -3.90
CA ARG A 119 -16.43 -12.67 -3.80
C ARG A 119 -16.02 -13.71 -4.84
N SER A 120 -15.68 -14.92 -4.38
CA SER A 120 -15.30 -16.03 -5.25
C SER A 120 -16.49 -16.99 -5.44
N GLY A 121 -17.41 -16.58 -6.32
CA GLY A 121 -18.63 -17.34 -6.58
C GLY A 121 -19.61 -17.32 -5.42
N GLU A 122 -19.32 -18.18 -4.45
CA GLU A 122 -20.07 -18.29 -3.18
C GLU A 122 -19.31 -17.68 -2.00
N GLY A 123 -18.08 -18.16 -1.78
CA GLY A 123 -17.28 -17.76 -0.62
C GLY A 123 -16.62 -16.39 -0.76
N ARG A 124 -16.41 -15.73 0.38
CA ARG A 124 -15.85 -14.37 0.41
C ARG A 124 -14.34 -14.47 0.56
N LEU A 125 -13.64 -13.52 -0.06
CA LEU A 125 -12.20 -13.35 0.09
C LEU A 125 -11.95 -11.95 0.63
N ASP A 126 -11.30 -11.85 1.78
CA ASP A 126 -10.81 -10.57 2.29
C ASP A 126 -9.32 -10.45 1.94
N PRO A 127 -8.79 -9.21 1.90
CA PRO A 127 -7.36 -9.05 1.61
C PRO A 127 -6.44 -9.55 2.73
N TYR A 128 -5.18 -9.82 2.37
CA TYR A 128 -4.16 -10.29 3.32
C TYR A 128 -2.97 -9.35 3.36
N TRP A 129 -2.33 -9.13 2.20
CA TRP A 129 -1.18 -8.24 2.08
C TRP A 129 -1.30 -7.40 0.81
N GLY A 130 -0.78 -6.18 0.86
CA GLY A 130 -0.76 -5.28 -0.30
C GLY A 130 0.34 -4.24 -0.22
N ASP A 131 0.47 -3.48 -1.29
CA ASP A 131 1.47 -2.41 -1.39
C ASP A 131 1.02 -1.39 -2.45
N VAL A 132 0.82 -0.14 -2.03
CA VAL A 132 0.26 0.90 -2.90
C VAL A 132 1.32 1.44 -3.87
N LYS A 133 2.53 1.64 -3.36
CA LYS A 133 3.66 2.14 -4.17
C LYS A 133 4.05 1.12 -5.25
N GLN A 134 4.13 -0.15 -4.87
CA GLN A 134 4.35 -1.25 -5.82
C GLN A 134 3.10 -1.56 -6.67
N ASP A 135 1.92 -1.23 -6.14
CA ASP A 135 0.62 -1.43 -6.81
C ASP A 135 0.31 -2.92 -6.93
N LEU A 136 0.28 -3.58 -5.79
CA LEU A 136 0.05 -5.03 -5.68
C LEU A 136 -0.86 -5.36 -4.50
N VAL A 137 -1.54 -6.51 -4.58
CA VAL A 137 -2.39 -6.99 -3.49
C VAL A 137 -2.63 -8.50 -3.58
N SER A 138 -2.64 -9.16 -2.43
CA SER A 138 -2.91 -10.59 -2.31
C SER A 138 -4.07 -10.86 -1.35
N TYR A 139 -4.85 -11.90 -1.64
CA TYR A 139 -6.02 -12.29 -0.86
C TYR A 139 -5.84 -13.71 -0.29
N CYS A 140 -6.24 -13.90 0.96
CA CYS A 140 -6.17 -15.19 1.67
C CYS A 140 -4.76 -15.70 2.06
N GLY A 141 -3.72 -14.91 1.77
CA GLY A 141 -2.34 -15.33 2.05
C GLY A 141 -1.30 -14.38 1.50
N PRO A 142 0.00 -14.62 1.80
CA PRO A 142 1.09 -13.73 1.38
C PRO A 142 1.39 -13.82 -0.11
N TRP A 143 2.31 -12.98 -0.58
CA TRP A 143 2.71 -12.97 -1.99
C TRP A 143 3.53 -14.22 -2.30
N LYS A 144 3.09 -14.99 -3.30
CA LYS A 144 3.72 -16.26 -3.68
C LYS A 144 3.98 -16.32 -5.18
N LEU A 145 4.52 -15.22 -5.71
CA LEU A 145 4.93 -15.11 -7.11
C LEU A 145 6.34 -14.52 -7.14
N ASP A 146 7.26 -15.30 -6.58
CA ASP A 146 8.68 -14.89 -6.45
C ASP A 146 9.42 -14.77 -7.78
N ALA A 147 8.96 -15.49 -8.81
CA ALA A 147 9.62 -15.50 -10.12
C ALA A 147 9.58 -14.14 -10.82
N ALA A 148 10.61 -13.88 -11.61
CA ALA A 148 10.74 -12.63 -12.38
C ALA A 148 11.44 -12.90 -13.72
N TRP A 149 11.48 -11.86 -14.56
CA TRP A 149 12.03 -11.98 -15.93
C TRP A 149 13.55 -12.22 -15.94
N ASP A 150 13.99 -13.12 -16.82
CA ASP A 150 15.42 -13.45 -16.99
C ASP A 150 16.27 -12.27 -17.48
N GLY A 151 15.69 -11.44 -18.33
CA GLY A 151 16.33 -10.22 -18.84
C GLY A 151 16.93 -10.32 -20.24
N HIS A 152 16.44 -11.27 -21.03
CA HIS A 152 16.93 -11.46 -22.41
C HIS A 152 15.98 -12.23 -23.35
N SER A 153 15.39 -13.31 -22.85
CA SER A 153 14.44 -14.12 -23.62
C SER A 153 13.06 -13.46 -23.78
N GLU A 154 12.29 -13.98 -24.73
CA GLU A 154 10.92 -13.52 -24.98
C GLU A 154 9.96 -14.01 -23.90
N VAL A 155 8.78 -13.39 -23.83
CA VAL A 155 7.75 -13.73 -22.84
C VAL A 155 6.36 -13.72 -23.48
N GLN A 156 5.38 -14.26 -22.74
CA GLN A 156 4.01 -14.41 -23.23
C GLN A 156 2.98 -13.72 -22.32
N LEU A 157 2.33 -12.68 -22.84
CA LEU A 157 1.27 -11.98 -22.12
C LEU A 157 -0.06 -12.71 -22.32
N LEU A 158 -0.56 -13.32 -21.24
CA LEU A 158 -1.90 -13.91 -21.25
C LEU A 158 -2.93 -12.80 -21.09
N ALA A 159 -3.26 -12.14 -22.20
CA ALA A 159 -4.16 -10.97 -22.19
C ALA A 159 -5.62 -11.39 -22.02
N VAL A 160 -6.31 -10.72 -21.08
CA VAL A 160 -7.72 -11.01 -20.77
C VAL A 160 -8.51 -9.69 -20.70
N PRO A 161 -8.89 -9.12 -21.87
CA PRO A 161 -9.63 -7.86 -21.89
C PRO A 161 -11.14 -8.03 -21.62
N PRO A 162 -11.86 -6.91 -21.42
CA PRO A 162 -13.31 -6.97 -21.19
C PRO A 162 -14.12 -7.37 -22.42
N GLY A 163 -15.05 -8.30 -22.25
CA GLY A 163 -15.96 -8.73 -23.31
C GLY A 163 -15.31 -9.47 -24.47
N GLU A 164 -14.26 -10.22 -24.16
CA GLU A 164 -13.54 -11.02 -25.16
C GLU A 164 -12.71 -12.11 -24.49
N ARG A 165 -12.50 -13.20 -25.24
CA ARG A 165 -11.82 -14.41 -24.72
C ARG A 165 -10.32 -14.20 -24.49
N ALA A 166 -9.76 -15.02 -23.60
CA ALA A 166 -8.34 -14.96 -23.23
C ALA A 166 -7.45 -15.50 -24.33
N ARG A 167 -6.24 -14.95 -24.43
CA ARG A 167 -5.26 -15.36 -25.44
C ARG A 167 -3.82 -15.03 -25.04
N ASN A 168 -2.89 -15.80 -25.62
CA ASN A 168 -1.45 -15.60 -25.40
C ASN A 168 -0.80 -14.83 -26.56
N ILE A 169 0.10 -13.92 -26.23
CA ILE A 169 0.83 -13.12 -27.23
C ILE A 169 2.34 -13.16 -26.91
N GLN A 170 3.10 -13.88 -27.74
CA GLN A 170 4.55 -13.99 -27.59
C GLN A 170 5.24 -12.69 -28.03
N THR A 171 6.19 -12.21 -27.23
CA THR A 171 6.85 -10.93 -27.50
C THR A 171 8.09 -10.70 -26.61
N LEU A 172 9.06 -9.96 -27.16
CA LEU A 172 10.24 -9.52 -26.41
C LEU A 172 9.90 -8.19 -25.73
N PRO A 173 10.08 -8.10 -24.39
CA PRO A 173 9.84 -6.81 -23.73
C PRO A 173 10.95 -5.79 -23.97
N GLY A 174 10.57 -4.52 -24.04
CA GLY A 174 11.52 -3.41 -24.19
C GLY A 174 11.88 -2.81 -22.84
N ILE A 175 13.06 -2.18 -22.78
CA ILE A 175 13.54 -1.51 -21.57
C ILE A 175 13.38 0.00 -21.75
N PHE A 176 12.71 0.65 -20.79
CA PHE A 176 12.43 2.09 -20.82
C PHE A 176 13.14 2.80 -19.67
N LYS A 177 13.66 4.00 -19.94
CA LYS A 177 14.46 4.75 -18.98
C LYS A 177 13.66 5.94 -18.46
N THR A 178 12.81 5.67 -17.47
CA THR A 178 11.96 6.68 -16.85
C THR A 178 12.80 7.64 -16.00
N LYS A 179 12.31 8.87 -15.84
CA LYS A 179 12.96 9.91 -15.02
C LYS A 179 13.24 9.45 -13.58
N ASP A 180 12.36 8.61 -13.02
CA ASP A 180 12.57 7.98 -11.72
C ASP A 180 13.68 6.92 -11.82
N GLY A 181 13.52 5.98 -12.75
CA GLY A 181 14.50 4.93 -12.96
C GLY A 181 14.30 4.10 -14.23
N ASP A 182 15.25 3.19 -14.47
CA ASP A 182 15.20 2.28 -15.63
C ASP A 182 14.27 1.10 -15.34
N ILE A 183 13.32 0.87 -16.23
CA ILE A 183 12.32 -0.20 -16.07
C ILE A 183 12.22 -1.07 -17.32
N GLY A 184 11.62 -2.26 -17.16
CA GLY A 184 11.40 -3.21 -18.27
C GLY A 184 9.92 -3.51 -18.41
N ALA A 185 9.45 -3.60 -19.66
CA ALA A 185 8.02 -3.78 -19.95
C ALA A 185 7.71 -4.35 -21.34
N VAL A 186 6.53 -4.95 -21.46
CA VAL A 186 6.06 -5.53 -22.73
C VAL A 186 5.58 -4.40 -23.65
N ALA A 187 5.84 -4.55 -24.95
CA ALA A 187 5.44 -3.55 -25.96
C ALA A 187 4.12 -3.94 -26.62
N LEU A 188 3.04 -3.90 -25.84
CA LEU A 188 1.69 -4.23 -26.31
C LEU A 188 0.65 -3.34 -25.64
N ASP A 189 -0.14 -2.63 -26.46
CA ASP A 189 -1.18 -1.73 -25.99
C ASP A 189 -2.53 -2.46 -25.94
N TYR A 190 -3.12 -2.51 -24.75
CA TYR A 190 -4.45 -3.11 -24.53
C TYR A 190 -5.34 -2.17 -23.69
N PRO A 191 -6.67 -2.40 -23.68
CA PRO A 191 -7.56 -1.52 -22.91
C PRO A 191 -7.39 -1.64 -21.39
N ALA A 192 -7.79 -0.59 -20.68
CA ALA A 192 -7.84 -0.62 -19.21
C ALA A 192 -8.98 -1.55 -18.78
N GLY A 193 -8.70 -2.39 -17.78
CA GLY A 193 -9.54 -3.55 -17.48
C GLY A 193 -8.80 -4.84 -17.77
N THR A 194 -7.96 -4.80 -18.81
CA THR A 194 -6.95 -5.84 -19.05
C THR A 194 -5.81 -5.77 -18.02
N SER A 195 -5.57 -4.58 -17.46
CA SER A 195 -4.55 -4.35 -16.42
C SER A 195 -4.70 -5.30 -15.23
N GLY A 196 -3.64 -6.08 -14.97
CA GLY A 196 -3.65 -7.16 -13.99
C GLY A 196 -3.50 -8.54 -14.60
N SER A 197 -3.47 -8.62 -15.93
CA SER A 197 -3.28 -9.90 -16.66
C SER A 197 -1.82 -10.37 -16.57
N PRO A 198 -1.60 -11.70 -16.44
CA PRO A 198 -0.25 -12.20 -16.17
C PRO A 198 0.67 -12.30 -17.40
N ILE A 199 1.97 -12.15 -17.14
CA ILE A 199 3.03 -12.37 -18.13
C ILE A 199 3.77 -13.64 -17.72
N LEU A 200 3.80 -14.62 -18.61
CA LEU A 200 4.42 -15.92 -18.36
C LEU A 200 5.82 -16.01 -18.96
N ASP A 201 6.66 -16.88 -18.38
CA ASP A 201 8.01 -17.14 -18.89
C ASP A 201 8.10 -18.48 -19.61
N LYS A 202 9.24 -18.73 -20.25
CA LYS A 202 9.51 -20.00 -20.95
C LYS A 202 9.33 -21.25 -20.08
N CYS A 203 9.75 -21.15 -18.82
CA CYS A 203 9.65 -22.25 -17.85
C CYS A 203 8.25 -22.41 -17.21
N GLY A 204 7.31 -21.52 -17.53
CA GLY A 204 5.90 -21.66 -17.12
C GLY A 204 5.39 -20.67 -16.08
N ARG A 205 6.30 -20.13 -15.26
CA ARG A 205 5.92 -19.32 -14.10
C ARG A 205 5.49 -17.90 -14.48
N VAL A 206 4.77 -17.24 -13.56
CA VAL A 206 4.32 -15.85 -13.72
C VAL A 206 5.43 -14.92 -13.23
N ILE A 207 5.68 -13.85 -14.00
CA ILE A 207 6.82 -12.93 -13.77
C ILE A 207 6.40 -11.45 -13.84
N GLY A 208 5.20 -11.14 -13.36
CA GLY A 208 4.64 -9.79 -13.40
C GLY A 208 3.28 -9.72 -14.05
N LEU A 209 2.63 -8.56 -13.94
CA LEU A 209 1.28 -8.33 -14.45
C LEU A 209 1.18 -7.12 -15.37
N TYR A 210 0.11 -7.07 -16.15
CA TYR A 210 -0.14 -5.96 -17.09
C TYR A 210 -0.58 -4.71 -16.33
N GLY A 211 -0.22 -3.54 -16.85
CA GLY A 211 -0.44 -2.26 -16.17
C GLY A 211 0.87 -1.57 -15.81
N ASN A 212 1.49 -2.05 -14.74
CA ASN A 212 2.79 -1.53 -14.27
C ASN A 212 3.93 -2.51 -14.59
N GLY A 213 5.10 -1.97 -14.92
CA GLY A 213 6.30 -2.76 -15.18
C GLY A 213 7.10 -3.03 -13.92
N VAL A 214 8.39 -3.34 -14.10
CA VAL A 214 9.31 -3.61 -13.00
C VAL A 214 10.64 -2.87 -13.19
N VAL A 215 11.26 -2.46 -12.08
CA VAL A 215 12.51 -1.70 -12.09
C VAL A 215 13.67 -2.70 -12.17
N ILE A 216 14.75 -2.29 -12.85
CA ILE A 216 15.93 -3.12 -13.07
C ILE A 216 16.85 -3.11 -11.83
N LYS A 217 16.72 -4.16 -11.02
CA LYS A 217 17.58 -4.34 -9.83
C LYS A 217 17.86 -5.82 -9.59
N ASP B 6 13.96 27.33 17.34
CA ASP B 6 14.72 26.25 16.62
C ASP B 6 14.08 24.88 16.88
N MET B 7 13.77 24.17 15.79
CA MET B 7 13.07 22.88 15.85
C MET B 7 13.29 22.13 14.54
N TYR B 8 13.88 20.93 14.63
CA TYR B 8 14.26 20.15 13.44
C TYR B 8 13.71 18.71 13.47
N ILE B 9 13.93 17.99 12.37
CA ILE B 9 13.53 16.58 12.23
C ILE B 9 14.71 15.71 11.78
N GLU B 10 14.69 14.45 12.21
CA GLU B 10 15.74 13.48 11.89
C GLU B 10 15.11 12.13 11.50
N ARG B 11 15.63 11.52 10.44
CA ARG B 11 15.03 10.31 9.87
C ARG B 11 15.38 9.08 10.70
N ALA B 12 14.36 8.32 11.09
CA ALA B 12 14.52 7.07 11.86
C ALA B 12 14.49 5.84 10.95
N GLY B 13 13.49 5.76 10.09
CA GLY B 13 13.35 4.62 9.16
C GLY B 13 12.29 4.82 8.09
N ASP B 14 11.84 3.70 7.51
CA ASP B 14 10.84 3.68 6.44
C ASP B 14 9.51 3.11 6.94
N ILE B 15 8.46 3.30 6.13
CA ILE B 15 7.12 2.76 6.40
C ILE B 15 7.00 1.38 5.75
N THR B 16 7.06 0.32 6.56
CA THR B 16 6.99 -1.06 6.08
C THR B 16 6.18 -1.95 7.04
N TRP B 17 5.30 -2.76 6.48
CA TRP B 17 4.58 -3.82 7.23
C TRP B 17 5.50 -5.03 7.35
N GLU B 18 5.58 -5.58 8.56
CA GLU B 18 6.44 -6.73 8.87
C GLU B 18 5.57 -7.95 9.24
N LYS B 19 5.68 -9.03 8.47
CA LYS B 19 5.04 -10.32 8.80
C LYS B 19 5.69 -10.90 10.05
N ASP B 20 7.01 -10.86 10.10
CA ASP B 20 7.73 -11.11 11.36
C ASP B 20 7.29 -10.07 12.40
N ALA B 21 6.25 -10.43 13.14
CA ALA B 21 5.63 -9.57 14.14
C ALA B 21 6.42 -9.57 15.44
N GLU B 22 5.95 -8.79 16.40
CA GLU B 22 6.57 -8.70 17.73
C GLU B 22 6.34 -10.03 18.48
N VAL B 23 7.43 -10.74 18.75
CA VAL B 23 7.41 -12.06 19.42
C VAL B 23 6.64 -13.08 18.59
N THR B 78 11.45 16.55 0.63
CA THR B 78 12.27 15.52 1.27
C THR B 78 11.56 14.15 1.17
N THR B 79 12.35 13.08 1.14
CA THR B 79 11.86 11.74 0.76
C THR B 79 10.98 11.04 1.79
N ASP B 80 10.18 10.09 1.30
CA ASP B 80 9.20 9.35 2.12
C ASP B 80 9.85 8.55 3.24
N GLY B 81 9.16 8.48 4.38
CA GLY B 81 9.65 7.78 5.57
C GLY B 81 9.28 8.52 6.85
N VAL B 82 9.47 7.83 7.98
CA VAL B 82 9.21 8.42 9.31
C VAL B 82 10.39 9.26 9.79
N TYR B 83 10.09 10.36 10.47
CA TYR B 83 11.11 11.24 11.07
C TYR B 83 10.71 11.59 12.51
N ARG B 84 11.71 11.57 13.40
CA ARG B 84 11.51 11.98 14.81
C ARG B 84 11.73 13.50 14.95
N VAL B 85 10.77 14.16 15.60
CA VAL B 85 10.78 15.63 15.74
C VAL B 85 11.60 16.02 16.95
N MET B 86 12.57 16.90 16.74
CA MET B 86 13.54 17.32 17.76
C MET B 86 13.48 18.83 18.00
N THR B 87 14.05 19.26 19.13
CA THR B 87 14.17 20.69 19.47
C THR B 87 15.57 20.98 20.01
N ARG B 88 16.39 21.61 19.16
CA ARG B 88 17.75 22.01 19.53
C ARG B 88 17.68 23.27 20.38
N GLY B 89 17.94 23.12 21.67
CA GLY B 89 18.00 24.25 22.61
C GLY B 89 19.43 24.72 22.78
N LEU B 90 19.64 25.52 23.83
CA LEU B 90 20.96 26.01 24.21
C LEU B 90 21.79 24.93 24.89
N LEU B 91 21.16 24.15 25.77
CA LEU B 91 21.83 23.08 26.50
C LEU B 91 22.07 21.88 25.60
N GLY B 92 21.00 21.40 24.96
CA GLY B 92 21.09 20.28 24.01
C GLY B 92 19.82 20.02 23.23
N SER B 93 19.70 18.79 22.71
CA SER B 93 18.58 18.38 21.85
C SER B 93 17.68 17.33 22.53
N THR B 94 16.37 17.47 22.36
CA THR B 94 15.36 16.55 22.94
C THR B 94 14.21 16.31 21.97
N GLN B 95 13.69 15.07 21.96
CA GLN B 95 12.61 14.67 21.07
C GLN B 95 11.25 15.12 21.63
N VAL B 96 10.52 15.92 20.84
CA VAL B 96 9.19 16.42 21.21
C VAL B 96 8.08 15.51 20.68
N GLY B 97 8.27 14.96 19.48
CA GLY B 97 7.29 14.07 18.87
C GLY B 97 7.86 13.26 17.72
N VAL B 98 6.96 12.70 16.90
CA VAL B 98 7.31 11.93 15.68
C VAL B 98 6.40 12.38 14.55
N GLY B 99 6.87 12.23 13.31
CA GLY B 99 6.05 12.51 12.12
C GLY B 99 6.33 11.61 10.93
N VAL B 100 5.53 11.80 9.89
CA VAL B 100 5.49 10.91 8.72
C VAL B 100 5.60 11.73 7.44
N MET B 101 6.65 11.50 6.67
CA MET B 101 6.80 12.09 5.34
C MET B 101 6.19 11.16 4.31
N GLN B 102 5.31 11.69 3.46
CA GLN B 102 4.67 10.93 2.40
C GLN B 102 4.17 11.84 1.28
N GLU B 103 4.55 11.51 0.04
CA GLU B 103 4.21 12.28 -1.16
C GLU B 103 4.67 13.76 -1.06
N GLY B 104 5.85 13.96 -0.49
CA GLY B 104 6.40 15.30 -0.26
C GLY B 104 5.62 16.16 0.72
N VAL B 105 5.04 15.52 1.74
CA VAL B 105 4.25 16.20 2.78
C VAL B 105 4.57 15.59 4.13
N PHE B 106 5.13 16.39 5.04
CA PHE B 106 5.41 15.95 6.41
C PHE B 106 4.15 16.09 7.25
N HIS B 107 3.61 14.96 7.70
CA HIS B 107 2.43 14.91 8.55
C HIS B 107 2.84 14.65 9.99
N THR B 108 2.23 15.37 10.92
CA THR B 108 2.44 15.16 12.35
C THR B 108 1.28 15.77 13.15
N MET B 109 1.39 15.78 14.48
CA MET B 109 0.34 16.28 15.36
C MET B 109 0.61 17.74 15.75
N TRP B 110 -0.47 18.50 15.94
CA TRP B 110 -0.40 19.92 16.24
C TRP B 110 0.32 20.20 17.56
N HIS B 111 -0.03 19.46 18.61
CA HIS B 111 0.55 19.64 19.95
C HIS B 111 2.08 19.46 20.02
N VAL B 112 2.66 18.74 19.06
CA VAL B 112 4.12 18.56 18.97
C VAL B 112 4.81 19.88 18.59
N THR B 113 4.48 20.38 17.40
CA THR B 113 5.12 21.59 16.84
C THR B 113 4.41 22.88 17.26
N LYS B 114 3.08 22.85 17.23
CA LYS B 114 2.22 24.01 17.51
C LYS B 114 2.44 25.12 16.48
N GLY B 115 2.35 24.73 15.20
CA GLY B 115 2.52 25.64 14.08
C GLY B 115 3.95 26.14 13.85
N SER B 116 4.94 25.43 14.39
CA SER B 116 6.35 25.83 14.26
C SER B 116 6.93 25.29 12.96
N ALA B 117 7.60 26.15 12.20
CA ALA B 117 8.26 25.76 10.94
C ALA B 117 9.46 24.87 11.22
N LEU B 118 9.55 23.75 10.51
CA LEU B 118 10.58 22.73 10.75
C LEU B 118 11.75 22.84 9.76
N ARG B 119 12.92 22.40 10.21
CA ARG B 119 14.13 22.32 9.38
C ARG B 119 14.33 20.87 8.96
N SER B 120 14.30 20.63 7.65
CA SER B 120 14.51 19.30 7.07
C SER B 120 15.97 19.13 6.61
N GLY B 121 16.85 18.84 7.57
CA GLY B 121 18.27 18.62 7.29
C GLY B 121 18.96 19.90 6.88
N GLU B 122 19.13 20.10 5.57
CA GLU B 122 19.70 21.32 5.02
C GLU B 122 18.59 22.34 4.79
N GLY B 123 17.56 21.92 4.07
CA GLY B 123 16.41 22.76 3.74
C GLY B 123 15.42 23.00 4.88
N ARG B 124 14.73 24.13 4.80
CA ARG B 124 13.70 24.56 5.77
C ARG B 124 12.30 24.41 5.18
N LEU B 125 11.31 24.12 6.04
CA LEU B 125 9.90 24.02 5.59
C LEU B 125 8.85 24.61 6.57
N ASP B 126 7.85 25.26 5.99
CA ASP B 126 6.79 25.95 6.73
C ASP B 126 5.49 25.14 6.71
N PRO B 127 4.55 25.40 7.65
CA PRO B 127 3.27 24.68 7.63
C PRO B 127 2.35 25.04 6.45
N TYR B 128 1.40 24.15 6.15
CA TYR B 128 0.44 24.33 5.06
C TYR B 128 -1.00 24.29 5.57
N TRP B 129 -1.37 23.17 6.20
CA TRP B 129 -2.71 22.97 6.76
C TRP B 129 -2.60 22.31 8.14
N GLY B 130 -3.56 22.65 9.01
CA GLY B 130 -3.64 22.04 10.34
C GLY B 130 -5.04 22.09 10.93
N ASP B 131 -5.19 21.46 12.09
CA ASP B 131 -6.46 21.41 12.81
C ASP B 131 -6.20 21.12 14.29
N VAL B 132 -6.60 22.05 15.16
CA VAL B 132 -6.29 22.00 16.60
C VAL B 132 -7.20 20.99 17.30
N LYS B 133 -8.49 21.01 16.96
CA LYS B 133 -9.48 20.10 17.55
C LYS B 133 -9.19 18.65 17.18
N GLN B 134 -8.86 18.40 15.90
CA GLN B 134 -8.40 17.09 15.45
C GLN B 134 -6.96 16.77 15.89
N ASP B 135 -6.16 17.81 16.13
CA ASP B 135 -4.76 17.70 16.60
C ASP B 135 -3.88 17.13 15.48
N LEU B 136 -3.88 17.82 14.35
CA LEU B 136 -3.15 17.39 13.14
C LEU B 136 -2.50 18.59 12.45
N VAL B 137 -1.44 18.33 11.69
CA VAL B 137 -0.76 19.37 10.90
C VAL B 137 0.05 18.77 9.75
N SER B 138 0.04 19.46 8.61
CA SER B 138 0.80 19.08 7.41
C SER B 138 1.70 20.22 6.95
N TYR B 139 2.86 19.86 6.39
CA TYR B 139 3.86 20.82 5.91
C TYR B 139 4.10 20.64 4.41
N CYS B 140 4.22 21.75 3.69
CA CYS B 140 4.48 21.79 2.23
C CYS B 140 3.33 21.31 1.33
N GLY B 141 2.16 21.00 1.90
CA GLY B 141 1.02 20.53 1.12
C GLY B 141 -0.14 20.06 1.98
N PRO B 142 -1.27 19.70 1.33
CA PRO B 142 -2.48 19.28 2.06
C PRO B 142 -2.35 17.90 2.68
N TRP B 143 -3.38 17.48 3.42
CA TRP B 143 -3.40 16.17 4.07
C TRP B 143 -3.59 15.08 3.01
N LYS B 144 -2.66 14.13 2.97
CA LYS B 144 -2.64 13.06 1.96
C LYS B 144 -2.50 11.68 2.64
N LEU B 145 -3.27 11.49 3.70
CA LEU B 145 -3.35 10.22 4.43
C LEU B 145 -4.83 9.89 4.62
N ASP B 146 -5.50 9.69 3.49
CA ASP B 146 -6.94 9.42 3.45
C ASP B 146 -7.35 8.08 4.06
N ALA B 147 -6.43 7.11 4.09
CA ALA B 147 -6.71 5.78 4.61
C ALA B 147 -7.01 5.77 6.12
N ALA B 148 -7.85 4.83 6.53
CA ALA B 148 -8.27 4.66 7.93
C ALA B 148 -8.48 3.18 8.24
N TRP B 149 -8.71 2.87 9.51
CA TRP B 149 -8.84 1.48 9.99
C TRP B 149 -10.11 0.79 9.47
N ASP B 150 -9.96 -0.47 9.07
CA ASP B 150 -11.09 -1.29 8.57
C ASP B 150 -12.18 -1.56 9.61
N GLY B 151 -11.78 -1.72 10.86
CA GLY B 151 -12.69 -1.87 12.01
C GLY B 151 -12.87 -3.29 12.54
N HIS B 152 -11.92 -4.19 12.23
CA HIS B 152 -11.95 -5.58 12.74
C HIS B 152 -10.59 -6.30 12.74
N SER B 153 -9.76 -6.09 11.71
CA SER B 153 -8.43 -6.68 11.62
C SER B 153 -7.40 -6.00 12.54
N GLU B 154 -6.29 -6.70 12.77
CA GLU B 154 -5.17 -6.18 13.57
C GLU B 154 -4.38 -5.11 12.81
N VAL B 155 -3.57 -4.35 13.56
CA VAL B 155 -2.75 -3.27 13.01
C VAL B 155 -1.35 -3.25 13.64
N GLN B 156 -0.44 -2.49 13.03
CA GLN B 156 0.96 -2.41 13.45
C GLN B 156 1.39 -0.98 13.79
N LEU B 157 1.69 -0.73 15.06
CA LEU B 157 2.22 0.56 15.52
C LEU B 157 3.73 0.61 15.27
N LEU B 158 4.16 1.44 14.33
CA LEU B 158 5.59 1.70 14.12
C LEU B 158 6.06 2.69 15.19
N ALA B 159 6.36 2.15 16.37
CA ALA B 159 6.74 2.98 17.53
C ALA B 159 8.16 3.52 17.38
N VAL B 160 8.32 4.83 17.62
CA VAL B 160 9.62 5.53 17.53
C VAL B 160 9.81 6.42 18.78
N PRO B 161 10.21 5.81 19.92
CA PRO B 161 10.38 6.60 21.15
C PRO B 161 11.73 7.32 21.22
N PRO B 162 11.91 8.26 22.19
CA PRO B 162 13.19 8.95 22.32
C PRO B 162 14.31 8.03 22.83
N GLY B 163 15.44 8.02 22.13
CA GLY B 163 16.60 7.21 22.50
C GLY B 163 16.33 5.71 22.38
N GLU B 164 15.68 5.31 21.28
CA GLU B 164 15.33 3.90 21.06
C GLU B 164 15.06 3.65 19.58
N ARG B 165 15.40 2.44 19.12
CA ARG B 165 15.25 2.07 17.71
C ARG B 165 13.78 1.95 17.32
N ALA B 166 13.50 2.16 16.03
CA ALA B 166 12.15 2.04 15.50
C ALA B 166 11.77 0.57 15.34
N ARG B 167 10.53 0.22 15.70
CA ARG B 167 10.04 -1.16 15.59
C ARG B 167 8.53 -1.22 15.41
N ASN B 168 8.07 -2.34 14.85
CA ASN B 168 6.65 -2.61 14.66
C ASN B 168 6.11 -3.50 15.79
N ILE B 169 4.89 -3.19 16.23
CA ILE B 169 4.19 -3.96 17.26
C ILE B 169 2.79 -4.26 16.72
N GLN B 170 2.58 -5.51 16.31
CA GLN B 170 1.27 -5.95 15.81
C GLN B 170 0.31 -6.15 16.98
N THR B 171 -0.92 -5.65 16.81
CA THR B 171 -1.92 -5.64 17.89
C THR B 171 -3.32 -5.30 17.37
N LEU B 172 -4.34 -5.83 18.05
CA LEU B 172 -5.74 -5.48 17.78
C LEU B 172 -6.10 -4.24 18.61
N PRO B 173 -6.61 -3.17 17.97
CA PRO B 173 -7.03 -2.01 18.76
C PRO B 173 -8.36 -2.22 19.47
N GLY B 174 -8.50 -1.62 20.65
CA GLY B 174 -9.75 -1.64 21.41
C GLY B 174 -10.60 -0.40 21.15
N ILE B 175 -11.91 -0.54 21.36
CA ILE B 175 -12.86 0.56 21.21
C ILE B 175 -13.24 1.07 22.60
N PHE B 176 -13.11 2.38 22.81
CA PHE B 176 -13.40 3.04 24.08
C PHE B 176 -14.56 4.02 23.92
N LYS B 177 -15.45 4.03 24.92
CA LYS B 177 -16.64 4.87 24.90
C LYS B 177 -16.46 6.03 25.87
N THR B 178 -15.72 7.04 25.41
CA THR B 178 -15.37 8.20 26.22
C THR B 178 -16.57 9.13 26.41
N LYS B 179 -16.56 9.90 27.51
CA LYS B 179 -17.61 10.88 27.84
C LYS B 179 -17.91 11.88 26.70
N ASP B 180 -16.86 12.26 25.95
CA ASP B 180 -17.00 13.08 24.76
C ASP B 180 -17.66 12.28 23.63
N GLY B 181 -17.08 11.13 23.31
CA GLY B 181 -17.62 10.24 22.27
C GLY B 181 -16.98 8.86 22.20
N ASP B 182 -17.51 8.03 21.30
CA ASP B 182 -17.05 6.66 21.09
C ASP B 182 -15.85 6.64 20.11
N ILE B 183 -14.72 6.11 20.57
CA ILE B 183 -13.45 6.16 19.82
C ILE B 183 -12.77 4.78 19.75
N GLY B 184 -11.83 4.64 18.81
CA GLY B 184 -11.02 3.43 18.63
C GLY B 184 -9.54 3.72 18.79
N ALA B 185 -8.81 2.83 19.46
CA ALA B 185 -7.40 3.06 19.78
C ALA B 185 -6.60 1.80 20.07
N VAL B 186 -5.28 1.89 19.88
CA VAL B 186 -4.36 0.79 20.16
C VAL B 186 -4.13 0.68 21.66
N ALA B 187 -4.01 -0.55 22.16
CA ALA B 187 -3.79 -0.82 23.59
C ALA B 187 -2.29 -1.00 23.89
N LEU B 188 -1.54 0.09 23.74
CA LEU B 188 -0.09 0.09 24.01
C LEU B 188 0.34 1.42 24.63
N ASP B 189 0.96 1.35 25.81
CA ASP B 189 1.45 2.53 26.52
C ASP B 189 2.92 2.78 26.18
N TYR B 190 3.21 3.98 25.67
CA TYR B 190 4.58 4.42 25.36
C TYR B 190 4.81 5.85 25.90
N PRO B 191 6.09 6.28 26.01
CA PRO B 191 6.36 7.62 26.53
C PRO B 191 5.92 8.76 25.60
N ALA B 192 5.70 9.93 26.18
CA ALA B 192 5.43 11.15 25.40
C ALA B 192 6.69 11.56 24.67
N GLY B 193 6.54 11.93 23.40
CA GLY B 193 7.68 12.03 22.47
C GLY B 193 7.56 10.96 21.39
N THR B 194 7.03 9.80 21.77
CA THR B 194 6.58 8.78 20.81
C THR B 194 5.29 9.22 20.09
N SER B 195 4.51 10.09 20.75
CA SER B 195 3.25 10.63 20.19
C SER B 195 3.46 11.29 18.82
N GLY B 196 2.75 10.77 17.82
CA GLY B 196 2.93 11.14 16.42
C GLY B 196 3.47 10.01 15.54
N SER B 197 3.78 8.86 16.15
CA SER B 197 4.26 7.67 15.43
C SER B 197 3.12 7.00 14.67
N PRO B 198 3.39 6.48 13.44
CA PRO B 198 2.30 5.96 12.61
C PRO B 198 1.80 4.55 12.96
N ILE B 199 0.51 4.32 12.66
CA ILE B 199 -0.12 3.00 12.76
C ILE B 199 -0.40 2.54 11.33
N LEU B 200 0.17 1.39 10.96
CA LEU B 200 0.04 0.83 9.61
C LEU B 200 -1.04 -0.25 9.55
N ASP B 201 -1.59 -0.45 8.35
CA ASP B 201 -2.59 -1.50 8.10
C ASP B 201 -1.98 -2.67 7.33
N LYS B 202 -2.76 -3.74 7.19
CA LYS B 202 -2.35 -4.96 6.45
C LYS B 202 -1.93 -4.67 5.00
N CYS B 203 -2.64 -3.75 4.35
CA CYS B 203 -2.36 -3.36 2.96
C CYS B 203 -1.20 -2.36 2.79
N GLY B 204 -0.62 -1.89 3.90
CA GLY B 204 0.61 -1.06 3.89
C GLY B 204 0.43 0.40 4.28
N ARG B 205 -0.78 0.94 4.13
CA ARG B 205 -1.02 2.38 4.29
C ARG B 205 -1.08 2.81 5.75
N VAL B 206 -0.90 4.12 5.98
CA VAL B 206 -0.99 4.72 7.32
C VAL B 206 -2.45 5.09 7.61
N ILE B 207 -2.89 4.78 8.83
CA ILE B 207 -4.31 4.91 9.24
C ILE B 207 -4.48 5.60 10.59
N GLY B 208 -3.64 6.60 10.87
CA GLY B 208 -3.65 7.33 12.14
C GLY B 208 -2.29 7.36 12.81
N LEU B 209 -2.18 8.17 13.87
CA LEU B 209 -0.93 8.38 14.60
C LEU B 209 -1.09 8.14 16.11
N TYR B 210 0.04 7.94 16.79
CA TYR B 210 0.06 7.71 18.23
C TYR B 210 -0.20 9.01 18.99
N GLY B 211 -0.85 8.91 20.16
CA GLY B 211 -1.27 10.07 20.95
C GLY B 211 -2.78 10.16 21.07
N ASN B 212 -3.41 10.63 20.00
CA ASN B 212 -4.89 10.72 19.91
C ASN B 212 -5.42 9.62 19.01
N GLY B 213 -6.61 9.10 19.37
CA GLY B 213 -7.30 8.08 18.57
C GLY B 213 -8.18 8.70 17.50
N VAL B 214 -9.17 7.92 17.04
CA VAL B 214 -10.13 8.36 16.02
C VAL B 214 -11.56 8.01 16.45
N VAL B 215 -12.50 8.89 16.09
CA VAL B 215 -13.91 8.73 16.46
C VAL B 215 -14.59 7.83 15.44
N ILE B 216 -15.61 7.09 15.89
CA ILE B 216 -16.36 6.17 15.01
C ILE B 216 -17.14 6.90 13.91
N LYS B 217 -17.14 6.32 12.71
CA LYS B 217 -17.98 6.77 11.58
C LYS B 217 -17.87 5.81 10.39
C2 A1H3F C . 8.69 -7.93 -18.61
C5 A1H3F C . 7.86 -7.49 -17.44
C6 A1H3F C . 6.63 -6.89 -17.70
C7 A1H3F C . 5.82 -6.44 -16.66
C8 A1H3F C . 6.24 -6.61 -15.33
C12 A1H3F C . 4.32 -4.93 -17.89
C15 A1H3F C . 2.60 -3.53 -18.92
C16 A1H3F C . 2.99 -3.32 -20.23
C18 A1H3F C . 2.19 -1.70 -21.98
C19 A1H3F C . 3.10 -0.49 -21.91
C21 A1H3F C . 3.66 1.49 -20.85
C23 A1H3F C . 4.95 0.77 -22.76
C24 A1H3F C . 4.12 -0.34 -22.84
C27 A1H3F C . 6.47 2.23 -19.34
C31 A1H3F C . 5.60 3.85 -22.70
C33 A1H3F C . 4.81 4.58 -24.88
C34 A1H3F C . 3.79 4.14 -25.93
C36 A1H3F C . 1.38 3.73 -26.08
C37 A1H3F C . 2.21 6.00 -26.09
F1 A1H3F C . 9.65 -8.86 -18.22
F3 A1H3F C . 9.32 -6.82 -19.14
F4 A1H3F C . 7.88 -8.53 -19.58
C9 A1H3F C . 7.47 -7.22 -15.07
C10 A1H3F C . 8.28 -7.65 -16.12
N11 A1H3F C . 4.57 -5.82 -16.89
O13 A1H3F C . 5.16 -4.58 -18.69
N14 A1H3F C . 3.06 -4.44 -17.98
N17 A1H3F C . 2.18 -2.33 -20.66
N20 A1H3F C . 2.91 0.41 -20.96
C22 A1H3F C . 4.72 1.71 -21.73
C25 A1H3F C . 5.58 2.91 -21.64
C26 A1H3F C . 6.41 3.17 -20.52
N28 A1H3F C . 7.15 4.28 -20.50
C29 A1H3F C . 7.14 5.13 -21.52
N30 A1H3F C . 6.38 4.93 -22.59
O32 A1H3F C . 4.82 3.64 -23.80
N35 A1H3F C . 2.44 4.63 -25.59
N38 A1H3F C . 1.39 -2.01 -19.70
O39 A1H3F C . 1.59 -2.67 -18.71
C2 A1H3F D . -6.64 2.24 15.47
C5 A1H3F D . -6.29 3.72 15.48
C6 A1H3F D . -5.39 4.19 16.44
C7 A1H3F D . -5.05 5.54 16.49
C8 A1H3F D . -5.62 6.43 15.58
C12 A1H3F D . -4.05 5.70 18.75
C15 A1H3F D . -2.92 6.06 20.89
C16 A1H3F D . -3.04 4.90 21.61
C18 A1H3F D . -2.68 4.38 24.05
C19 A1H3F D . -3.96 4.59 24.82
C21 A1H3F D . -5.38 6.09 25.86
C23 A1H3F D . -5.95 3.75 25.85
C24 A1H3F D . -4.78 3.51 25.14
C27 A1H3F D . -8.62 6.39 24.93
C31 A1H3F D . -7.57 5.06 28.36
C33 A1H3F D . -6.54 4.12 30.35
C34 A1H3F D . -5.33 3.23 30.71
C36 A1H3F D . -3.06 3.42 31.58
C37 A1H3F D . -4.94 3.84 33.04
F1 A1H3F D . -7.18 1.86 14.23
F3 A1H3F D . -7.58 2.00 16.47
F4 A1H3F D . -5.49 1.49 15.69
C9 A1H3F D . -6.52 5.97 14.63
C10 A1H3F D . -6.85 4.61 14.58
N11 A1H3F D . -4.14 6.07 17.43
O13 A1H3F D . -4.79 4.84 19.21
N14 A1H3F D . -3.14 6.31 19.53
N17 A1H3F D . -2.70 5.24 22.87
N20 A1H3F D . -4.28 5.83 25.19
C22 A1H3F D . -6.26 5.07 26.22
C25 A1H3F D . -7.50 5.39 26.99
C26 A1H3F D . -8.61 6.00 26.39
N28 A1H3F D . -9.69 6.26 27.14
C29 A1H3F D . -9.72 5.94 28.43
N30 A1H3F D . -8.69 5.36 29.03
O32 A1H3F D . -6.50 4.46 28.95
N35 A1H3F D . -4.44 3.93 31.66
N38 A1H3F D . -2.39 6.49 22.86
O39 A1H3F D . -2.50 6.98 21.77
#